data_3F1X
#
_entry.id   3F1X
#
_cell.length_a   111.417
_cell.length_b   111.417
_cell.length_c   124.426
_cell.angle_alpha   90.00
_cell.angle_beta   90.00
_cell.angle_gamma   120.00
#
_symmetry.space_group_name_H-M   'H 3 2'
#
loop_
_entity.id
_entity.type
_entity.pdbx_description
1 polymer 'Serine acetyltransferase'
2 water water
#
_entity_poly.entity_id   1
_entity_poly.type   'polypeptide(L)'
_entity_poly.pdbx_seq_one_letter_code
;(MSE)TTFNYTNILTQAVDELSESQSYKGLFHQHKDGDPLPSAKSLYKIVELARAIIFPGYFGNSTVNSHTINYHIGVNV
ETLFGLLTEQILAGLCFGQENSKNATDDNEPCRETASLLAARFISKLPELRRILATDVEAAYYGDPAATCFGEIISCYPA
IRAISNYRIAHELLILGVPLIPRFITE(MSE)AHSETGIDIHPGAQIGHHFTIDHGTGVVIGATSIIGNNVKLYQGVTLG
AKSFPLDNNGNPIKGIPRHPILEDDVIVYSNATILGRVTIGKGATVGGNIWVTENVPAGSRIVQRKNKDELEHHHHHH
;
_entity_poly.pdbx_strand_id   A
#
# COMPACT_ATOMS: atom_id res chain seq x y z
N THR A 2 -43.56 -25.94 -5.37
CA THR A 2 -43.74 -26.58 -6.71
C THR A 2 -42.39 -26.90 -7.35
N THR A 3 -42.41 -27.76 -8.36
CA THR A 3 -41.20 -28.15 -9.06
C THR A 3 -41.15 -27.61 -10.48
N PHE A 4 -40.22 -26.69 -10.73
CA PHE A 4 -40.04 -26.12 -12.07
C PHE A 4 -38.92 -26.92 -12.73
N ASN A 5 -38.62 -26.62 -14.00
CA ASN A 5 -37.58 -27.35 -14.69
C ASN A 5 -36.19 -27.04 -14.13
N TYR A 6 -36.04 -25.88 -13.48
CA TYR A 6 -34.75 -25.50 -12.91
C TYR A 6 -34.61 -25.88 -11.43
N THR A 7 -35.71 -26.27 -10.80
CA THR A 7 -35.70 -26.63 -9.39
C THR A 7 -34.68 -27.67 -8.96
N ASN A 8 -34.71 -28.85 -9.59
CA ASN A 8 -33.78 -29.91 -9.24
C ASN A 8 -32.34 -29.59 -9.64
N ILE A 9 -32.18 -28.71 -10.62
CA ILE A 9 -30.84 -28.32 -11.05
C ILE A 9 -30.20 -27.53 -9.92
N LEU A 10 -30.98 -26.62 -9.33
CA LEU A 10 -30.50 -25.79 -8.23
C LEU A 10 -30.20 -26.61 -6.97
N THR A 11 -31.09 -27.52 -6.61
CA THR A 11 -30.89 -28.33 -5.41
C THR A 11 -29.67 -29.23 -5.57
N GLN A 12 -29.50 -29.81 -6.74
CA GLN A 12 -28.35 -30.68 -6.96
C GLN A 12 -27.06 -29.85 -6.89
N ALA A 13 -27.10 -28.62 -7.39
CA ALA A 13 -25.92 -27.77 -7.36
C ALA A 13 -25.53 -27.49 -5.91
N VAL A 14 -26.52 -27.17 -5.09
CA VAL A 14 -26.26 -26.89 -3.69
C VAL A 14 -25.65 -28.09 -2.97
N ASP A 15 -26.18 -29.29 -3.24
CA ASP A 15 -25.64 -30.49 -2.59
C ASP A 15 -24.17 -30.69 -2.90
N GLU A 16 -23.79 -30.51 -4.16
CA GLU A 16 -22.40 -30.67 -4.59
C GLU A 16 -21.49 -29.62 -4.00
N LEU A 17 -21.98 -28.39 -3.93
CA LEU A 17 -21.22 -27.28 -3.40
C LEU A 17 -21.03 -27.34 -1.89
N SER A 18 -21.94 -28.04 -1.20
CA SER A 18 -21.91 -28.12 0.26
C SER A 18 -21.11 -29.29 0.85
N GLU A 19 -20.15 -29.83 0.11
CA GLU A 19 -19.34 -30.94 0.63
C GLU A 19 -17.84 -30.71 0.53
N SER A 20 -17.22 -31.30 -0.49
CA SER A 20 -15.80 -31.16 -0.74
C SER A 20 -14.87 -31.52 0.42
N GLN A 21 -14.49 -32.79 0.53
CA GLN A 21 -13.59 -33.21 1.59
C GLN A 21 -12.18 -32.85 1.12
N SER A 22 -12.01 -32.79 -0.20
CA SER A 22 -10.72 -32.45 -0.79
C SER A 22 -10.59 -30.92 -0.84
N TYR A 23 -11.71 -30.24 -1.10
CA TYR A 23 -11.69 -28.78 -1.16
C TYR A 23 -11.68 -28.18 0.25
N LYS A 24 -11.17 -28.97 1.20
CA LYS A 24 -10.99 -28.50 2.55
C LYS A 24 -9.60 -27.92 2.34
N GLY A 25 -9.11 -28.19 1.12
CA GLY A 25 -7.80 -27.78 0.64
C GLY A 25 -6.68 -27.88 1.64
N LEU A 26 -5.60 -27.17 1.35
CA LEU A 26 -4.47 -27.13 2.25
C LEU A 26 -4.81 -26.00 3.20
N PHE A 27 -6.09 -25.62 3.16
CA PHE A 27 -6.61 -24.56 4.02
C PHE A 27 -6.48 -25.09 5.43
N HIS A 28 -5.68 -24.42 6.25
CA HIS A 28 -5.53 -24.84 7.63
C HIS A 28 -6.88 -24.59 8.28
N GLN A 29 -7.06 -24.98 9.53
CA GLN A 29 -8.34 -24.76 10.18
C GLN A 29 -8.45 -23.39 10.86
N HIS A 30 -9.49 -22.65 10.49
CA HIS A 30 -9.76 -21.34 11.07
C HIS A 30 -10.76 -21.59 12.19
N LYS A 31 -10.43 -21.15 13.39
CA LYS A 31 -11.30 -21.34 14.55
C LYS A 31 -12.67 -20.71 14.37
N ASP A 32 -13.72 -21.42 14.77
CA ASP A 32 -15.07 -20.90 14.68
C ASP A 32 -15.12 -19.75 15.67
N GLY A 33 -15.87 -18.70 15.34
CA GLY A 33 -15.98 -17.56 16.24
C GLY A 33 -15.01 -16.43 15.95
N ASP A 34 -13.94 -16.74 15.23
CA ASP A 34 -12.95 -15.72 14.91
C ASP A 34 -13.46 -14.82 13.79
N PRO A 35 -13.16 -13.51 13.88
CA PRO A 35 -13.59 -12.57 12.86
C PRO A 35 -12.62 -12.62 11.68
N LEU A 36 -13.14 -12.38 10.47
CA LEU A 36 -12.30 -12.41 9.29
C LEU A 36 -12.05 -10.97 8.82
N PRO A 37 -10.93 -10.74 8.14
CA PRO A 37 -10.62 -9.39 7.66
C PRO A 37 -11.77 -8.85 6.81
N SER A 38 -12.11 -7.58 7.04
CA SER A 38 -13.20 -6.94 6.32
C SER A 38 -12.66 -5.83 5.41
N ALA A 39 -12.79 -6.03 4.12
CA ALA A 39 -12.34 -5.02 3.18
C ALA A 39 -13.08 -3.71 3.47
N LYS A 40 -14.34 -3.81 3.90
CA LYS A 40 -15.12 -2.62 4.20
C LYS A 40 -14.56 -1.84 5.36
N SER A 41 -14.26 -2.53 6.47
CA SER A 41 -13.69 -1.88 7.64
C SER A 41 -12.32 -1.32 7.29
N LEU A 42 -11.54 -2.10 6.52
CA LEU A 42 -10.21 -1.68 6.12
C LEU A 42 -10.26 -0.40 5.28
N TYR A 43 -11.28 -0.28 4.44
CA TYR A 43 -11.40 0.92 3.62
C TYR A 43 -11.61 2.11 4.55
N LYS A 44 -12.52 1.97 5.52
CA LYS A 44 -12.80 3.03 6.47
C LYS A 44 -11.55 3.39 7.26
N ILE A 45 -10.77 2.38 7.61
CA ILE A 45 -9.54 2.59 8.36
C ILE A 45 -8.55 3.46 7.61
N VAL A 46 -8.28 3.11 6.35
CA VAL A 46 -7.35 3.91 5.55
C VAL A 46 -7.87 5.33 5.33
N GLU A 47 -9.19 5.49 5.14
CA GLU A 47 -9.74 6.83 4.93
C GLU A 47 -9.59 7.71 6.18
N LEU A 48 -9.75 7.11 7.35
CA LEU A 48 -9.62 7.85 8.61
C LEU A 48 -8.15 8.23 8.81
N ALA A 49 -7.27 7.30 8.46
CA ALA A 49 -5.84 7.56 8.58
C ALA A 49 -5.48 8.79 7.74
N ARG A 50 -6.04 8.87 6.53
CA ARG A 50 -5.81 10.00 5.62
C ARG A 50 -6.32 11.30 6.21
N ALA A 51 -7.51 11.23 6.81
CA ALA A 51 -8.15 12.40 7.39
C ALA A 51 -7.42 12.91 8.62
N ILE A 52 -6.69 12.02 9.27
CA ILE A 52 -5.93 12.38 10.46
C ILE A 52 -4.54 12.90 10.03
N ILE A 53 -3.97 12.28 9.02
CA ILE A 53 -2.66 12.69 8.53
C ILE A 53 -2.74 14.04 7.82
N PHE A 54 -3.79 14.24 7.04
CA PHE A 54 -4.01 15.50 6.32
C PHE A 54 -5.30 16.11 6.83
N PRO A 55 -5.26 16.69 8.04
CA PRO A 55 -6.45 17.31 8.63
C PRO A 55 -7.16 18.37 7.80
N GLY A 56 -8.48 18.23 7.68
CA GLY A 56 -9.24 19.21 6.92
C GLY A 56 -9.36 18.89 5.43
N TYR A 57 -8.51 18.00 4.92
CA TYR A 57 -8.57 17.65 3.50
C TYR A 57 -9.47 16.45 3.30
N PHE A 58 -9.35 15.49 4.21
CA PHE A 58 -10.16 14.29 4.19
C PHE A 58 -10.92 14.33 5.52
N GLY A 59 -10.50 15.26 6.37
CA GLY A 59 -11.08 15.42 7.69
C GLY A 59 -12.33 16.27 7.86
N ASN A 60 -12.81 16.88 6.78
CA ASN A 60 -14.02 17.71 6.85
C ASN A 60 -14.45 18.15 5.45
N SER A 61 -15.76 18.21 5.23
CA SER A 61 -16.31 18.60 3.93
C SER A 61 -16.22 20.10 3.65
N THR A 62 -16.11 20.90 4.71
CA THR A 62 -15.99 22.35 4.56
C THR A 62 -14.83 22.80 5.42
N VAL A 63 -14.20 23.90 5.05
CA VAL A 63 -13.07 24.42 5.81
C VAL A 63 -13.53 25.04 7.12
N ASN A 64 -12.88 24.65 8.22
CA ASN A 64 -13.22 25.20 9.53
C ASN A 64 -12.06 25.01 10.48
N SER A 65 -11.26 26.06 10.65
CA SER A 65 -10.11 26.00 11.53
C SER A 65 -10.50 25.81 13.00
N HIS A 66 -11.73 26.16 13.36
CA HIS A 66 -12.17 26.03 14.74
C HIS A 66 -12.54 24.61 15.16
N THR A 67 -12.51 23.67 14.22
CA THR A 67 -12.88 22.29 14.54
C THR A 67 -11.88 21.22 14.13
N ILE A 68 -10.72 21.63 13.64
CA ILE A 68 -9.71 20.66 13.21
C ILE A 68 -9.38 19.64 14.30
N ASN A 69 -9.12 20.13 15.50
CA ASN A 69 -8.76 19.28 16.63
C ASN A 69 -9.90 18.37 17.06
N TYR A 70 -11.13 18.87 17.05
CA TYR A 70 -12.28 18.06 17.42
C TYR A 70 -12.33 16.85 16.50
N HIS A 71 -12.19 17.11 15.19
CA HIS A 71 -12.22 16.03 14.22
C HIS A 71 -11.10 15.02 14.36
N ILE A 72 -9.90 15.50 14.72
CA ILE A 72 -8.77 14.60 14.92
C ILE A 72 -9.09 13.67 16.10
N GLY A 73 -9.69 14.23 17.13
CA GLY A 73 -10.04 13.47 18.32
C GLY A 73 -11.06 12.37 18.03
N VAL A 74 -12.12 12.73 17.33
CA VAL A 74 -13.16 11.77 16.98
C VAL A 74 -12.62 10.73 16.00
N ASN A 75 -11.87 11.20 15.00
CA ASN A 75 -11.30 10.29 14.01
C ASN A 75 -10.32 9.29 14.59
N VAL A 76 -9.48 9.73 15.53
CA VAL A 76 -8.53 8.83 16.15
C VAL A 76 -9.28 7.71 16.90
N GLU A 77 -10.37 8.08 17.59
CA GLU A 77 -11.15 7.11 18.34
C GLU A 77 -11.83 6.09 17.41
N THR A 78 -12.42 6.58 16.33
CA THR A 78 -13.10 5.68 15.40
C THR A 78 -12.06 4.72 14.81
N LEU A 79 -10.92 5.27 14.41
CA LEU A 79 -9.84 4.49 13.83
C LEU A 79 -9.37 3.43 14.82
N PHE A 80 -9.22 3.82 16.08
CA PHE A 80 -8.77 2.90 17.10
C PHE A 80 -9.68 1.68 17.24
N GLY A 81 -10.98 1.93 17.30
CA GLY A 81 -11.94 0.85 17.42
C GLY A 81 -11.88 -0.08 16.23
N LEU A 82 -11.95 0.50 15.03
CA LEU A 82 -11.91 -0.26 13.79
C LEU A 82 -10.60 -1.03 13.63
N LEU A 83 -9.48 -0.36 13.85
CA LEU A 83 -8.18 -1.00 13.70
C LEU A 83 -7.93 -2.12 14.69
N THR A 84 -8.48 -2.00 15.90
CA THR A 84 -8.29 -3.06 16.89
C THR A 84 -8.91 -4.35 16.36
N GLU A 85 -10.13 -4.26 15.85
CA GLU A 85 -10.82 -5.44 15.33
C GLU A 85 -10.12 -6.08 14.14
N GLN A 86 -9.61 -5.27 13.22
CA GLN A 86 -8.96 -5.80 12.04
C GLN A 86 -7.61 -6.43 12.37
N ILE A 87 -6.91 -5.83 13.31
CA ILE A 87 -5.63 -6.39 13.72
C ILE A 87 -5.93 -7.74 14.37
N LEU A 88 -7.01 -7.81 15.15
CA LEU A 88 -7.40 -9.05 15.79
C LEU A 88 -7.68 -10.11 14.72
N ALA A 89 -8.35 -9.70 13.64
CA ALA A 89 -8.66 -10.63 12.56
C ALA A 89 -7.37 -11.14 11.91
N GLY A 90 -6.40 -10.24 11.74
CA GLY A 90 -5.13 -10.62 11.14
C GLY A 90 -4.40 -11.63 11.98
N LEU A 91 -4.29 -11.37 13.28
CA LEU A 91 -3.61 -12.29 14.18
C LEU A 91 -4.28 -13.65 14.14
N CYS A 92 -5.61 -13.67 14.11
CA CYS A 92 -6.37 -14.92 14.09
C CYS A 92 -6.21 -15.70 12.79
N PHE A 93 -6.10 -14.98 11.67
CA PHE A 93 -5.96 -15.61 10.37
C PHE A 93 -4.70 -16.48 10.30
N GLY A 94 -3.54 -15.84 10.22
CA GLY A 94 -2.30 -16.58 10.17
C GLY A 94 -1.26 -15.99 11.09
N ASP A 104 -2.23 -20.88 24.16
CA ASP A 104 -1.20 -19.87 24.34
C ASP A 104 -1.57 -18.62 23.55
N ASN A 105 -1.34 -18.67 22.24
CA ASN A 105 -1.64 -17.54 21.38
C ASN A 105 -2.97 -17.66 20.65
N GLU A 106 -4.03 -17.27 21.37
CA GLU A 106 -5.38 -17.27 20.84
C GLU A 106 -5.80 -15.80 20.87
N PRO A 107 -5.15 -14.99 20.02
CA PRO A 107 -5.35 -13.55 19.87
C PRO A 107 -6.48 -12.93 20.68
N CYS A 108 -6.10 -12.24 21.75
CA CYS A 108 -7.08 -11.55 22.58
C CYS A 108 -7.07 -10.10 22.13
N ARG A 109 -8.22 -9.46 22.17
CA ARG A 109 -8.37 -8.07 21.76
C ARG A 109 -7.34 -7.20 22.48
N GLU A 110 -6.98 -7.61 23.68
CA GLU A 110 -6.00 -6.89 24.50
C GLU A 110 -4.72 -6.67 23.72
N THR A 111 -4.26 -7.70 23.03
CA THR A 111 -3.04 -7.62 22.24
C THR A 111 -3.26 -6.72 21.02
N ALA A 112 -4.41 -6.88 20.37
CA ALA A 112 -4.74 -6.11 19.19
C ALA A 112 -4.96 -4.63 19.49
N SER A 113 -5.56 -4.33 20.65
CA SER A 113 -5.82 -2.93 20.98
C SER A 113 -4.53 -2.14 21.23
N LEU A 114 -3.54 -2.78 21.84
CA LEU A 114 -2.27 -2.10 22.10
C LEU A 114 -1.52 -1.86 20.79
N LEU A 115 -1.54 -2.85 19.90
CA LEU A 115 -0.88 -2.72 18.60
C LEU A 115 -1.57 -1.57 17.84
N ALA A 116 -2.89 -1.52 17.91
CA ALA A 116 -3.63 -0.47 17.23
C ALA A 116 -3.24 0.90 17.78
N ALA A 117 -3.07 0.98 19.10
CA ALA A 117 -2.68 2.25 19.72
C ALA A 117 -1.24 2.59 19.32
N ARG A 118 -0.38 1.57 19.26
CA ARG A 118 1.02 1.77 18.86
C ARG A 118 1.05 2.34 17.44
N PHE A 119 0.21 1.82 16.56
CA PHE A 119 0.17 2.32 15.20
C PHE A 119 -0.22 3.79 15.21
N ILE A 120 -1.28 4.12 15.94
CA ILE A 120 -1.76 5.50 16.01
C ILE A 120 -0.69 6.47 16.49
N SER A 121 0.17 6.00 17.40
CA SER A 121 1.23 6.85 17.93
C SER A 121 2.27 7.14 16.85
N LYS A 122 2.16 6.43 15.73
CA LYS A 122 3.07 6.62 14.61
C LYS A 122 2.55 7.60 13.55
N LEU A 123 1.29 8.00 13.68
CA LEU A 123 0.70 8.93 12.71
C LEU A 123 1.43 10.26 12.59
N PRO A 124 1.95 10.80 13.71
CA PRO A 124 2.66 12.08 13.57
C PRO A 124 3.89 11.93 12.67
N GLU A 125 4.59 10.81 12.83
CA GLU A 125 5.77 10.54 12.02
C GLU A 125 5.37 10.27 10.57
N LEU A 126 4.27 9.52 10.39
CA LEU A 126 3.82 9.23 9.03
C LEU A 126 3.49 10.54 8.32
N ARG A 127 2.90 11.48 9.05
CA ARG A 127 2.54 12.78 8.49
C ARG A 127 3.83 13.49 8.04
N ARG A 128 4.87 13.40 8.86
CA ARG A 128 6.14 14.04 8.53
C ARG A 128 6.77 13.45 7.27
N ILE A 129 6.70 12.13 7.13
CA ILE A 129 7.28 11.50 5.95
C ILE A 129 6.45 11.78 4.71
N LEU A 130 5.14 11.57 4.82
CA LEU A 130 4.26 11.81 3.69
C LEU A 130 4.37 13.24 3.23
N ALA A 131 4.60 14.17 4.15
CA ALA A 131 4.75 15.57 3.79
C ALA A 131 5.89 15.74 2.77
N THR A 132 6.97 14.99 2.95
CA THR A 132 8.09 15.10 2.01
C THR A 132 7.72 14.49 0.66
N ASP A 133 6.87 13.46 0.68
CA ASP A 133 6.42 12.83 -0.57
C ASP A 133 5.57 13.81 -1.36
N VAL A 134 4.70 14.54 -0.67
CA VAL A 134 3.85 15.52 -1.33
C VAL A 134 4.72 16.63 -1.92
N GLU A 135 5.73 17.06 -1.18
CA GLU A 135 6.63 18.11 -1.66
C GLU A 135 7.38 17.66 -2.91
N ALA A 136 7.84 16.42 -2.92
CA ALA A 136 8.55 15.88 -4.07
C ALA A 136 7.62 15.79 -5.26
N ALA A 137 6.35 15.47 -5.02
CA ALA A 137 5.38 15.36 -6.10
C ALA A 137 5.08 16.72 -6.71
N TYR A 138 5.09 17.75 -5.87
CA TYR A 138 4.83 19.11 -6.34
C TYR A 138 6.03 19.70 -7.09
N TYR A 139 7.18 19.77 -6.41
CA TYR A 139 8.38 20.34 -7.00
C TYR A 139 8.87 19.73 -8.32
N GLY A 140 8.55 18.47 -8.57
CA GLY A 140 9.01 17.86 -9.80
C GLY A 140 7.93 17.64 -10.84
N ASP A 141 6.76 18.23 -10.61
CA ASP A 141 5.64 18.09 -11.54
C ASP A 141 5.07 19.45 -11.91
N PRO A 142 5.54 20.03 -13.03
CA PRO A 142 5.03 21.34 -13.46
C PRO A 142 3.52 21.32 -13.61
N ALA A 143 2.97 20.14 -13.84
CA ALA A 143 1.52 19.98 -14.01
C ALA A 143 0.81 20.07 -12.67
N ALA A 144 1.58 19.99 -11.59
CA ALA A 144 1.03 20.10 -10.24
C ALA A 144 1.02 21.59 -9.95
N THR A 145 -0.06 22.09 -9.38
CA THR A 145 -0.13 23.53 -9.11
C THR A 145 -0.50 23.89 -7.67
N CYS A 146 -0.49 22.90 -6.77
CA CYS A 146 -0.84 23.15 -5.37
C CYS A 146 -0.64 21.90 -4.51
N PHE A 147 -0.22 22.09 -3.26
CA PHE A 147 -0.05 20.95 -2.37
C PHE A 147 -1.43 20.34 -2.15
N GLY A 148 -2.43 21.21 -2.08
CA GLY A 148 -3.79 20.76 -1.87
C GLY A 148 -4.37 19.89 -2.98
N GLU A 149 -4.04 20.21 -4.22
CA GLU A 149 -4.53 19.45 -5.37
C GLU A 149 -3.89 18.06 -5.36
N ILE A 150 -2.63 18.01 -4.95
CA ILE A 150 -1.91 16.75 -4.90
C ILE A 150 -2.49 15.80 -3.88
N ILE A 151 -2.64 16.27 -2.64
CA ILE A 151 -3.19 15.46 -1.57
C ILE A 151 -4.62 15.04 -1.87
N SER A 152 -5.39 15.96 -2.45
CA SER A 152 -6.79 15.73 -2.75
C SER A 152 -7.18 14.76 -3.86
N CYS A 153 -6.41 14.69 -4.95
CA CYS A 153 -6.78 13.76 -6.01
C CYS A 153 -5.68 12.98 -6.71
N TYR A 154 -4.41 13.25 -6.41
CA TYR A 154 -3.33 12.51 -7.04
C TYR A 154 -3.34 11.07 -6.52
N PRO A 155 -3.42 10.10 -7.43
CA PRO A 155 -3.45 8.68 -7.05
C PRO A 155 -2.17 8.20 -6.36
N ALA A 156 -1.03 8.73 -6.78
CA ALA A 156 0.25 8.34 -6.21
C ALA A 156 0.32 8.56 -4.70
N ILE A 157 -0.14 9.72 -4.24
CA ILE A 157 -0.11 10.01 -2.82
C ILE A 157 -0.94 9.01 -2.03
N ARG A 158 -2.04 8.57 -2.63
CA ARG A 158 -2.92 7.61 -2.00
C ARG A 158 -2.23 6.26 -1.87
N ALA A 159 -1.56 5.83 -2.94
CA ALA A 159 -0.85 4.55 -2.92
C ALA A 159 0.31 4.61 -1.93
N ILE A 160 1.08 5.69 -1.98
CA ILE A 160 2.23 5.85 -1.08
C ILE A 160 1.75 5.93 0.37
N SER A 161 0.64 6.61 0.61
CA SER A 161 0.09 6.71 1.95
C SER A 161 -0.29 5.32 2.44
N ASN A 162 -1.03 4.57 1.62
CA ASN A 162 -1.45 3.22 1.99
C ASN A 162 -0.22 2.37 2.29
N TYR A 163 0.80 2.49 1.44
CA TYR A 163 2.04 1.74 1.63
C TYR A 163 2.68 2.04 2.99
N ARG A 164 2.94 3.32 3.28
CA ARG A 164 3.57 3.66 4.55
C ARG A 164 2.73 3.23 5.74
N ILE A 165 1.41 3.25 5.58
CA ILE A 165 0.54 2.80 6.66
C ILE A 165 0.71 1.29 6.85
N ALA A 166 0.71 0.56 5.73
CA ALA A 166 0.85 -0.88 5.74
C ALA A 166 2.22 -1.32 6.24
N HIS A 167 3.26 -0.61 5.84
CA HIS A 167 4.62 -0.93 6.25
C HIS A 167 4.75 -0.88 7.78
N GLU A 168 4.23 0.18 8.38
CA GLU A 168 4.29 0.36 9.81
C GLU A 168 3.57 -0.79 10.52
N LEU A 169 2.42 -1.17 9.99
CA LEU A 169 1.64 -2.28 10.54
C LEU A 169 2.46 -3.57 10.44
N LEU A 170 3.19 -3.72 9.33
CA LEU A 170 4.02 -4.90 9.14
C LEU A 170 5.14 -4.90 10.19
N ILE A 171 5.78 -3.76 10.33
CA ILE A 171 6.86 -3.59 11.31
C ILE A 171 6.40 -3.96 12.71
N LEU A 172 5.17 -3.57 13.05
CA LEU A 172 4.61 -3.87 14.37
C LEU A 172 4.24 -5.34 14.51
N GLY A 173 4.33 -6.08 13.43
CA GLY A 173 4.03 -7.50 13.46
C GLY A 173 2.58 -7.89 13.19
N VAL A 174 1.82 -7.04 12.52
CA VAL A 174 0.43 -7.37 12.21
C VAL A 174 0.41 -8.16 10.90
N PRO A 175 0.00 -9.44 10.97
CA PRO A 175 -0.04 -10.23 9.73
C PRO A 175 -1.27 -10.00 8.85
N LEU A 176 -1.14 -10.33 7.57
CA LEU A 176 -2.22 -10.21 6.59
C LEU A 176 -2.73 -8.80 6.29
N ILE A 177 -3.14 -8.08 7.33
CA ILE A 177 -3.65 -6.74 7.14
C ILE A 177 -2.80 -5.81 6.26
N PRO A 178 -1.47 -5.84 6.39
CA PRO A 178 -0.65 -4.95 5.54
C PRO A 178 -0.82 -5.18 4.04
N ARG A 179 -0.81 -6.44 3.62
CA ARG A 179 -0.97 -6.79 2.22
C ARG A 179 -2.37 -6.41 1.74
N PHE A 180 -3.34 -6.57 2.62
CA PHE A 180 -4.72 -6.21 2.33
C PHE A 180 -4.76 -4.74 1.97
N ILE A 181 -4.12 -3.94 2.79
CA ILE A 181 -4.08 -2.50 2.58
C ILE A 181 -3.37 -2.07 1.29
N THR A 182 -2.23 -2.70 0.96
CA THR A 182 -1.56 -2.29 -0.27
C THR A 182 -2.31 -2.75 -1.52
N GLU A 183 -2.93 -3.93 -1.46
CA GLU A 183 -3.69 -4.41 -2.61
C GLU A 183 -4.89 -3.50 -2.82
N MSE A 184 -5.35 -2.87 -1.74
CA MSE A 184 -6.47 -1.95 -1.82
C MSE A 184 -6.07 -0.75 -2.68
O MSE A 184 -6.83 -0.29 -3.52
CB MSE A 184 -6.87 -1.48 -0.42
CG MSE A 184 -8.32 -1.73 -0.07
SE MSE A 184 -8.73 -1.11 1.73
CE MSE A 184 -8.75 0.79 1.38
N ALA A 185 -4.86 -0.25 -2.44
CA ALA A 185 -4.33 0.88 -3.21
C ALA A 185 -4.08 0.40 -4.64
N HIS A 186 -3.62 -0.84 -4.76
CA HIS A 186 -3.33 -1.47 -6.05
C HIS A 186 -4.58 -1.41 -6.93
N SER A 187 -5.71 -1.77 -6.34
CA SER A 187 -6.99 -1.77 -7.04
C SER A 187 -7.45 -0.35 -7.40
N GLU A 188 -7.34 0.58 -6.45
CA GLU A 188 -7.77 1.95 -6.67
C GLU A 188 -6.85 2.83 -7.50
N THR A 189 -5.56 2.48 -7.59
CA THR A 189 -4.62 3.32 -8.33
C THR A 189 -3.78 2.64 -9.41
N GLY A 190 -3.76 1.31 -9.41
CA GLY A 190 -2.97 0.59 -10.38
C GLY A 190 -1.50 0.51 -9.94
N ILE A 191 -1.22 1.01 -8.74
CA ILE A 191 0.13 1.02 -8.16
C ILE A 191 0.23 -0.09 -7.10
N ASP A 192 1.12 -1.04 -7.34
CA ASP A 192 1.31 -2.19 -6.45
C ASP A 192 2.65 -2.17 -5.72
N ILE A 193 2.60 -1.83 -4.43
CA ILE A 193 3.79 -1.74 -3.59
C ILE A 193 3.65 -2.77 -2.47
N HIS A 194 4.59 -3.72 -2.38
CA HIS A 194 4.53 -4.74 -1.33
C HIS A 194 4.86 -4.05 -0.01
N PRO A 195 4.08 -4.34 1.04
CA PRO A 195 4.31 -3.72 2.34
C PRO A 195 5.73 -3.87 2.90
N GLY A 196 6.44 -4.91 2.45
CA GLY A 196 7.79 -5.14 2.92
C GLY A 196 8.86 -4.29 2.26
N ALA A 197 8.52 -3.64 1.15
CA ALA A 197 9.50 -2.79 0.50
C ALA A 197 9.96 -1.72 1.48
N GLN A 198 11.16 -1.20 1.28
CA GLN A 198 11.73 -0.15 2.11
C GLN A 198 11.86 1.08 1.22
N ILE A 199 11.22 2.17 1.61
CA ILE A 199 11.24 3.35 0.77
C ILE A 199 11.59 4.65 1.50
N GLY A 200 12.57 5.35 0.96
CA GLY A 200 13.02 6.59 1.56
C GLY A 200 12.11 7.80 1.43
N HIS A 201 12.57 8.93 1.97
CA HIS A 201 11.80 10.16 1.94
C HIS A 201 11.73 10.77 0.55
N HIS A 202 10.87 11.78 0.41
CA HIS A 202 10.71 12.47 -0.86
C HIS A 202 10.56 11.49 -2.02
N PHE A 203 9.70 10.50 -1.85
CA PHE A 203 9.47 9.51 -2.87
C PHE A 203 8.29 9.98 -3.73
N THR A 204 8.38 9.78 -5.04
CA THR A 204 7.29 10.19 -5.89
C THR A 204 7.08 9.21 -7.03
N ILE A 205 5.83 9.05 -7.43
CA ILE A 205 5.46 8.18 -8.53
C ILE A 205 4.62 9.03 -9.45
N ASP A 206 5.08 9.21 -10.68
CA ASP A 206 4.36 10.02 -11.66
C ASP A 206 3.36 9.17 -12.44
N HIS A 207 2.08 9.51 -12.34
CA HIS A 207 1.03 8.76 -13.05
C HIS A 207 0.89 7.41 -12.36
N GLY A 208 1.91 6.56 -12.48
CA GLY A 208 1.94 5.29 -11.76
C GLY A 208 1.22 4.00 -12.09
N THR A 209 0.22 4.01 -12.96
CA THR A 209 -0.48 2.76 -13.28
C THR A 209 0.50 1.71 -13.79
N GLY A 210 0.48 0.53 -13.19
CA GLY A 210 1.38 -0.53 -13.61
C GLY A 210 2.67 -0.62 -12.82
N VAL A 211 2.89 0.32 -11.91
CA VAL A 211 4.10 0.27 -11.09
C VAL A 211 4.03 -0.94 -10.18
N VAL A 212 5.15 -1.68 -10.10
CA VAL A 212 5.24 -2.84 -9.23
C VAL A 212 6.55 -2.75 -8.42
N ILE A 213 6.43 -2.74 -7.10
CA ILE A 213 7.61 -2.65 -6.23
C ILE A 213 7.62 -3.90 -5.37
N GLY A 214 8.60 -4.77 -5.65
CA GLY A 214 8.76 -6.04 -4.95
C GLY A 214 9.04 -6.05 -3.45
N ALA A 215 8.67 -7.17 -2.83
CA ALA A 215 8.81 -7.37 -1.38
C ALA A 215 10.12 -6.95 -0.71
N THR A 216 11.26 -7.20 -1.34
CA THR A 216 12.51 -6.81 -0.69
C THR A 216 13.22 -5.65 -1.36
N SER A 217 12.48 -4.84 -2.10
CA SER A 217 13.07 -3.69 -2.76
C SER A 217 13.52 -2.65 -1.73
N ILE A 218 14.59 -1.93 -2.06
CA ILE A 218 15.10 -0.87 -1.20
C ILE A 218 15.21 0.37 -2.07
N ILE A 219 14.45 1.41 -1.73
CA ILE A 219 14.48 2.64 -2.49
C ILE A 219 14.97 3.79 -1.63
N GLY A 220 15.99 4.50 -2.14
CA GLY A 220 16.58 5.61 -1.42
C GLY A 220 15.72 6.86 -1.35
N ASN A 221 16.36 8.00 -1.10
CA ASN A 221 15.63 9.24 -0.98
C ASN A 221 15.57 10.00 -2.31
N ASN A 222 14.52 10.79 -2.47
CA ASN A 222 14.32 11.59 -3.67
C ASN A 222 14.31 10.73 -4.93
N VAL A 223 13.62 9.60 -4.88
CA VAL A 223 13.54 8.72 -6.04
C VAL A 223 12.20 8.93 -6.73
N LYS A 224 12.21 8.87 -8.06
CA LYS A 224 10.99 9.05 -8.84
C LYS A 224 10.81 7.91 -9.83
N LEU A 225 9.61 7.34 -9.84
CA LEU A 225 9.28 6.24 -10.73
C LEU A 225 8.09 6.66 -11.59
N TYR A 226 8.07 6.19 -12.84
CA TYR A 226 6.98 6.50 -13.75
C TYR A 226 6.07 5.28 -13.91
N GLN A 227 4.96 5.47 -14.62
CA GLN A 227 4.01 4.40 -14.87
C GLN A 227 4.68 3.16 -15.46
N GLY A 228 4.15 1.99 -15.11
CA GLY A 228 4.65 0.73 -15.62
C GLY A 228 6.01 0.24 -15.15
N VAL A 229 6.65 0.98 -14.26
CA VAL A 229 7.96 0.57 -13.78
C VAL A 229 7.88 -0.61 -12.81
N THR A 230 8.69 -1.63 -13.06
CA THR A 230 8.73 -2.81 -12.21
C THR A 230 10.07 -2.97 -11.51
N LEU A 231 10.04 -3.21 -10.21
CA LEU A 231 11.24 -3.47 -9.42
C LEU A 231 10.95 -4.87 -8.89
N GLY A 232 11.32 -5.89 -9.65
CA GLY A 232 11.03 -7.25 -9.22
C GLY A 232 12.16 -8.23 -9.32
N ALA A 233 11.83 -9.46 -9.68
CA ALA A 233 12.83 -10.52 -9.79
C ALA A 233 12.33 -11.73 -10.56
N LYS A 234 13.18 -12.74 -10.65
CA LYS A 234 12.86 -13.97 -11.35
C LYS A 234 12.70 -13.71 -12.84
N PRO A 249 17.60 -11.70 0.07
CA PRO A 249 17.26 -10.58 -0.81
C PRO A 249 17.33 -10.98 -2.28
N ARG A 250 16.43 -10.41 -3.09
CA ARG A 250 16.41 -10.69 -4.53
C ARG A 250 15.72 -9.61 -5.33
N HIS A 251 15.53 -8.45 -4.69
CA HIS A 251 14.90 -7.31 -5.35
C HIS A 251 15.91 -6.17 -5.47
N PRO A 252 15.71 -5.28 -6.46
CA PRO A 252 16.61 -4.14 -6.71
C PRO A 252 16.80 -3.14 -5.58
N ILE A 253 17.90 -2.42 -5.70
CA ILE A 253 18.25 -1.36 -4.76
C ILE A 253 18.43 -0.11 -5.60
N LEU A 254 17.65 0.93 -5.31
CA LEU A 254 17.79 2.20 -6.02
C LEU A 254 18.33 3.19 -5.03
N GLU A 255 19.48 3.79 -5.34
CA GLU A 255 20.09 4.77 -4.46
C GLU A 255 19.37 6.12 -4.64
N ASP A 256 19.81 7.12 -3.89
CA ASP A 256 19.18 8.45 -3.96
C ASP A 256 19.19 9.10 -5.33
N ASP A 257 18.24 10.01 -5.53
CA ASP A 257 18.09 10.80 -6.75
C ASP A 257 17.97 10.01 -8.05
N VAL A 258 17.43 8.80 -7.98
CA VAL A 258 17.28 7.98 -9.16
C VAL A 258 15.93 8.23 -9.84
N ILE A 259 15.90 8.13 -11.16
CA ILE A 259 14.66 8.29 -11.92
C ILE A 259 14.56 7.11 -12.87
N VAL A 260 13.38 6.47 -12.89
CA VAL A 260 13.15 5.34 -13.79
C VAL A 260 11.93 5.69 -14.62
N TYR A 261 12.13 5.81 -15.93
CA TYR A 261 11.02 6.18 -16.80
C TYR A 261 10.08 5.04 -17.16
N SER A 262 9.02 5.42 -17.84
CA SER A 262 7.93 4.55 -18.26
C SER A 262 8.23 3.12 -18.70
N ASN A 263 7.54 2.18 -18.04
CA ASN A 263 7.60 0.76 -18.31
C ASN A 263 8.91 -0.01 -18.18
N ALA A 264 9.94 0.61 -17.63
CA ALA A 264 11.23 -0.08 -17.47
C ALA A 264 11.13 -1.18 -16.41
N THR A 265 11.82 -2.29 -16.67
CA THR A 265 11.82 -3.41 -15.73
C THR A 265 13.20 -3.59 -15.13
N ILE A 266 13.29 -3.55 -13.80
CA ILE A 266 14.57 -3.75 -13.12
C ILE A 266 14.42 -5.00 -12.26
N LEU A 267 15.24 -6.01 -12.50
CA LEU A 267 15.09 -7.23 -11.70
C LEU A 267 16.35 -7.88 -11.18
N GLY A 268 16.20 -8.55 -10.04
CA GLY A 268 17.31 -9.26 -9.42
C GLY A 268 18.17 -8.45 -8.48
N ARG A 269 19.40 -8.91 -8.30
CA ARG A 269 20.37 -8.25 -7.44
C ARG A 269 20.97 -7.11 -8.25
N VAL A 270 20.17 -6.09 -8.49
CA VAL A 270 20.64 -4.95 -9.27
C VAL A 270 20.60 -3.68 -8.43
N THR A 271 21.64 -2.88 -8.57
CA THR A 271 21.74 -1.61 -7.85
C THR A 271 21.80 -0.48 -8.87
N ILE A 272 20.89 0.48 -8.73
CA ILE A 272 20.89 1.64 -9.60
C ILE A 272 21.58 2.73 -8.78
N GLY A 273 22.78 3.10 -9.20
CA GLY A 273 23.56 4.10 -8.50
C GLY A 273 22.90 5.46 -8.35
N LYS A 274 23.26 6.20 -7.30
CA LYS A 274 22.62 7.49 -7.08
C LYS A 274 22.76 8.44 -8.27
N GLY A 275 21.70 9.20 -8.50
CA GLY A 275 21.69 10.16 -9.59
C GLY A 275 21.59 9.54 -10.96
N ALA A 276 21.48 8.22 -11.04
CA ALA A 276 21.38 7.58 -12.35
C ALA A 276 19.97 7.70 -12.92
N THR A 277 19.89 7.56 -14.24
CA THR A 277 18.62 7.64 -14.95
C THR A 277 18.44 6.39 -15.80
N VAL A 278 17.28 5.74 -15.65
CA VAL A 278 16.96 4.53 -16.40
C VAL A 278 15.87 4.87 -17.40
N GLY A 279 16.22 4.81 -18.68
CA GLY A 279 15.26 5.11 -19.72
C GLY A 279 14.09 4.13 -19.70
N GLY A 280 13.03 4.44 -20.43
CA GLY A 280 11.88 3.56 -20.45
C GLY A 280 11.96 2.39 -21.41
N ASN A 281 11.04 1.45 -21.24
CA ASN A 281 10.93 0.28 -22.10
C ASN A 281 12.13 -0.64 -22.18
N ILE A 282 12.94 -0.67 -21.12
CA ILE A 282 14.10 -1.55 -21.12
C ILE A 282 14.13 -2.56 -19.99
N TRP A 283 14.66 -3.73 -20.31
CA TRP A 283 14.80 -4.86 -19.41
C TRP A 283 16.19 -4.71 -18.80
N VAL A 284 16.25 -4.25 -17.55
CA VAL A 284 17.51 -4.03 -16.86
C VAL A 284 17.86 -5.16 -15.90
N THR A 285 18.95 -5.86 -16.18
CA THR A 285 19.37 -6.98 -15.34
C THR A 285 20.79 -6.82 -14.81
N GLU A 286 21.39 -5.67 -15.07
CA GLU A 286 22.76 -5.38 -14.63
C GLU A 286 22.79 -4.11 -13.78
N ASN A 287 23.82 -3.96 -12.96
CA ASN A 287 23.98 -2.77 -12.12
C ASN A 287 24.09 -1.56 -13.04
N VAL A 288 23.69 -0.40 -12.52
CA VAL A 288 23.76 0.84 -13.29
C VAL A 288 24.60 1.82 -12.49
N PRO A 289 25.81 2.16 -12.98
CA PRO A 289 26.66 3.10 -12.25
C PRO A 289 25.99 4.42 -11.92
N ALA A 290 26.42 5.03 -10.81
CA ALA A 290 25.86 6.28 -10.36
C ALA A 290 26.03 7.39 -11.38
N GLY A 291 25.02 8.25 -11.49
CA GLY A 291 25.07 9.37 -12.41
C GLY A 291 25.04 9.05 -13.90
N SER A 292 24.92 7.77 -14.24
CA SER A 292 24.90 7.40 -15.66
C SER A 292 23.48 7.34 -16.21
N ARG A 293 23.37 7.17 -17.53
CA ARG A 293 22.08 7.07 -18.17
C ARG A 293 22.08 5.86 -19.09
N ILE A 294 21.02 5.06 -19.02
CA ILE A 294 20.90 3.87 -19.86
C ILE A 294 19.57 3.93 -20.61
N VAL A 295 19.64 3.84 -21.93
CA VAL A 295 18.45 3.91 -22.77
C VAL A 295 18.36 2.78 -23.76
N GLN A 296 17.15 2.54 -24.27
CA GLN A 296 16.91 1.49 -25.24
C GLN A 296 17.70 1.72 -26.52
N ARG A 297 18.13 0.62 -27.16
CA ARG A 297 18.88 0.69 -28.40
C ARG A 297 17.98 1.34 -29.46
N LYS A 298 18.59 1.99 -30.44
CA LYS A 298 17.85 2.68 -31.50
C LYS A 298 16.97 1.75 -32.34
N ASN A 299 15.89 2.31 -32.87
CA ASN A 299 14.94 1.55 -33.69
C ASN A 299 14.92 1.99 -35.15
N LYS A 300 14.75 1.03 -36.06
CA LYS A 300 14.70 1.30 -37.49
C LYS A 300 14.34 0.05 -38.28
#